data_7SD8
#
_entry.id   7SD8
#
_cell.length_a   106.284
_cell.length_b   106.284
_cell.length_c   93.516
_cell.angle_alpha   90.000
_cell.angle_beta   90.000
_cell.angle_gamma   120.000
#
_symmetry.space_group_name_H-M   'H 3'
#
loop_
_entity.id
_entity.type
_entity.pdbx_description
1 polymer "DNA (5'-D(*GP*AP*GP*CP*AP*GP*CP*CP*TP*GP*TP*UP*TP*GP*GP*AP*CP*AP*TP*CP*A)-3')"
2 polymer "DNA (5'-D(P*CP*CP*AP*UP*AP*CP*A)-3')"
3 polymer "DNA (5'-D(P*GP*GP*CP*TP*GP*CP*T)-3')"
4 polymer "DNA (5'-D(P*CP*TP*GP*AP*TP*GP*T)-3')"
5 non-polymer 'MERCURY (II) ION'
#
loop_
_entity_poly.entity_id
_entity_poly.type
_entity_poly.pdbx_seq_one_letter_code
_entity_poly.pdbx_strand_id
1 'polydeoxyribonucleotide'
;(DG)(DA)(DG)(DC)(DA)(DG)(DC)(DC)(DT)(DG)(DT)(DU)(DT)(DG)(DG)(DA)(DC)(DA)(DT)(DC)
(DA)
;
A
2 'polydeoxyribonucleotide' (DC)(DC)(DA)(DU)(DA)(DC)(DA)(DU)(DA)(DC)(DA) B
3 'polydeoxyribonucleotide' (DG)(DG)(DC)(DT)(DG)(DC)(DT) C
4 'polydeoxyribonucleotide' (DC)(DT)(DG)(DA)(DT)(DG)(DT) D
#
loop_
_chem_comp.id
_chem_comp.type
_chem_comp.name
_chem_comp.formula
DA DNA linking 2'-DEOXYADENOSINE-5'-MONOPHOSPHATE 'C10 H14 N5 O6 P'
DC DNA linking 2'-DEOXYCYTIDINE-5'-MONOPHOSPHATE 'C9 H14 N3 O7 P'
DG DNA linking 2'-DEOXYGUANOSINE-5'-MONOPHOSPHATE 'C10 H14 N5 O7 P'
DT DNA linking THYMIDINE-5'-MONOPHOSPHATE 'C10 H15 N2 O8 P'
DU DNA linking 2'-DEOXYURIDINE-5'-MONOPHOSPHATE 'C9 H13 N2 O8 P'
HG non-polymer 'MERCURY (II) ION' 'Hg 2'
#
# COMPACT_ATOMS: atom_id res chain seq x y z
HG HG E . -1.60 -1.15 -1.40
HG HG F . 1.60 1.15 1.40
#